data_6VJN
#
_entry.id   6VJN
#
_cell.length_a   64.780
_cell.length_b   74.780
_cell.length_c   101.450
_cell.angle_alpha   90.000
_cell.angle_beta   90.000
_cell.angle_gamma   90.000
#
_symmetry.space_group_name_H-M   'P 21 21 21'
#
loop_
_entity.id
_entity.type
_entity.pdbx_description
1 polymer 'D11A.B5 Fab Heavy chain'
2 polymer 'D11A.B5 Fab Light chain'
3 polymer 'V2b peptide'
4 non-polymer 'SODIUM ION'
5 water water
#
loop_
_entity_poly.entity_id
_entity_poly.type
_entity_poly.pdbx_seq_one_letter_code
_entity_poly.pdbx_strand_id
1 'polypeptide(L)'
;MGWSCIILFLVATATGVHSHLQLQESGPGLVKPSETLSLTCAVSGGSSSDYWWSWIRQPPGKGLEWIGRIDSIGNTYYNP
SLRSRVTLSVDTSKNQFSLELTSVTAADTAVYYCARPYCAIGRCYESWGQGVLVTVSSASTKGPSVFPLAPSSKSTSGGT
AALGCLVKDYFPEPVTVSWNSGALTSGVHTFPAVLQSSGLYSLSSVVTVPSSSLGTQTYICNVNHKPSNTKVDKRVEPKS
C
;
H
2 'polypeptide(L)'
;MGWSCIILFLVATATGSVTEVVFTQPHSVSGSPGQTVTISCTRTSGSIDSEYVQWYQQRPGSAPTIVIYRDNQRPSGVPD
RFSGSIDSSSNSASLAISGLKSEDEADYYCQSSDDSYNWVFGGGTRLTVLGQPKAAPSVTLFPPSSEELQANKATLVCLI
SDFYPGAVTVAWKADSSPVKAGVETTTPSKQSNNKYAASSYLSLTPEQWKSHRSYSCQVTHEGSTVEKTVAPTECS
;
L
3 'polypeptide(L)' DIVPLEEERKGNSSKYRLI G,F
#
loop_
_chem_comp.id
_chem_comp.type
_chem_comp.name
_chem_comp.formula
NA non-polymer 'SODIUM ION' 'Na 1'
#
# COMPACT_ATOMS: atom_id res chain seq x y z
N HIS A 20 -5.86 -9.97 12.08
CA HIS A 20 -4.63 -10.04 12.79
C HIS A 20 -3.82 -11.29 12.41
N LEU A 21 -4.35 -12.12 11.51
CA LEU A 21 -3.55 -13.19 10.94
C LEU A 21 -2.35 -12.58 10.20
N GLN A 22 -1.25 -13.32 10.23
CA GLN A 22 -0.10 -13.02 9.37
C GLN A 22 -0.26 -13.87 8.10
N LEU A 23 -0.83 -13.26 7.06
CA LEU A 23 -0.94 -13.90 5.76
C LEU A 23 0.21 -13.36 4.93
N GLN A 24 0.93 -14.25 4.22
CA GLN A 24 2.07 -13.84 3.42
C GLN A 24 1.87 -14.36 2.00
N GLU A 25 1.67 -13.44 1.03
CA GLU A 25 1.56 -13.76 -0.38
C GLU A 25 2.95 -13.82 -1.02
N SER A 26 3.14 -14.75 -1.95
CA SER A 26 4.37 -14.72 -2.72
C SER A 26 4.08 -15.13 -4.16
N GLY A 27 4.86 -14.53 -5.07
CA GLY A 27 4.74 -14.81 -6.50
C GLY A 27 5.85 -14.15 -7.31
N PRO A 28 5.73 -14.18 -8.64
CA PRO A 28 6.94 -14.01 -9.48
C PRO A 28 7.38 -12.56 -9.63
N GLY A 29 6.56 -11.61 -9.25
CA GLY A 29 6.88 -10.18 -9.38
C GLY A 29 6.57 -9.64 -10.77
N LEU A 30 7.03 -10.33 -11.78
CA LEU A 30 6.91 -9.88 -13.16
C LEU A 30 6.46 -11.07 -13.99
N VAL A 31 5.45 -10.88 -14.85
CA VAL A 31 4.91 -11.95 -15.68
C VAL A 31 4.79 -11.41 -17.10
N LYS A 32 5.12 -12.22 -18.09
CA LYS A 32 5.01 -11.73 -19.46
C LYS A 32 3.55 -11.75 -19.92
N PRO A 33 3.17 -10.83 -20.79
CA PRO A 33 1.80 -10.84 -21.30
C PRO A 33 1.49 -12.18 -21.95
N SER A 34 0.27 -12.67 -21.73
CA SER A 34 -0.22 -13.93 -22.27
C SER A 34 0.17 -15.13 -21.42
N GLU A 35 1.12 -14.98 -20.51
CA GLU A 35 1.51 -16.12 -19.66
C GLU A 35 0.58 -16.22 -18.45
N THR A 36 0.86 -17.19 -17.58
CA THR A 36 0.01 -17.50 -16.44
C THR A 36 0.60 -16.88 -15.17
N LEU A 37 -0.21 -16.11 -14.45
CA LEU A 37 0.21 -15.53 -13.17
C LEU A 37 -0.09 -16.56 -12.07
N SER A 38 0.93 -16.92 -11.27
CA SER A 38 0.78 -17.90 -10.19
C SER A 38 1.17 -17.32 -8.84
N LEU A 39 0.29 -17.43 -7.85
CA LEU A 39 0.57 -16.86 -6.54
C LEU A 39 0.21 -17.89 -5.50
N THR A 40 0.88 -17.77 -4.36
CA THR A 40 0.51 -18.57 -3.21
C THR A 40 0.47 -17.68 -1.99
N CYS A 41 -0.22 -18.19 -0.98
CA CYS A 41 -0.45 -17.53 0.29
C CYS A 41 -0.25 -18.57 1.38
N ALA A 42 0.45 -18.21 2.44
CA ALA A 42 0.49 -19.03 3.65
C ALA A 42 0.05 -18.22 4.85
N VAL A 43 -0.55 -18.89 5.83
CA VAL A 43 -1.01 -18.22 7.04
C VAL A 43 -0.10 -18.59 8.18
N SER A 44 0.18 -17.61 9.06
CA SER A 44 0.90 -17.83 10.31
C SER A 44 0.09 -17.15 11.42
N GLY A 45 0.26 -17.62 12.64
CA GLY A 45 -0.48 -17.07 13.76
C GLY A 45 -1.90 -17.57 13.90
N GLY A 46 -2.35 -18.46 13.01
CA GLY A 46 -3.61 -19.16 13.17
C GLY A 46 -3.47 -20.54 12.57
N SER A 47 -4.56 -21.31 12.61
CA SER A 47 -4.58 -22.62 11.97
C SER A 47 -4.92 -22.52 10.48
N SER A 48 -4.33 -23.39 9.66
CA SER A 48 -4.74 -23.38 8.24
C SER A 48 -5.98 -24.24 7.96
N SER A 49 -6.62 -24.81 8.98
CA SER A 49 -7.78 -25.66 8.76
C SER A 49 -9.07 -24.87 8.90
N ASP A 50 -10.15 -25.41 8.31
CA ASP A 50 -11.50 -24.82 8.35
C ASP A 50 -11.56 -23.44 7.70
N TYR A 51 -12.73 -22.80 7.80
CA TYR A 51 -12.99 -21.45 7.28
C TYR A 51 -12.76 -21.48 5.77
N TRP A 52 -12.15 -20.43 5.22
CA TRP A 52 -12.09 -20.22 3.78
C TRP A 52 -10.98 -19.22 3.51
N TRP A 53 -10.74 -18.97 2.24
CA TRP A 53 -9.61 -18.21 1.74
C TRP A 53 -10.10 -17.42 0.52
N SER A 54 -9.72 -16.15 0.42
CA SER A 54 -10.09 -15.27 -0.69
C SER A 54 -8.88 -14.56 -1.28
N TRP A 55 -8.97 -14.24 -2.58
CA TRP A 55 -8.05 -13.33 -3.23
C TRP A 55 -8.77 -12.06 -3.66
N ILE A 56 -8.07 -10.94 -3.51
CA ILE A 56 -8.53 -9.63 -3.95
C ILE A 56 -7.34 -8.96 -4.62
N ARG A 57 -7.62 -8.08 -5.59
CA ARG A 57 -6.52 -7.31 -6.15
C ARG A 57 -6.90 -5.82 -6.24
N GLN A 58 -5.89 -4.99 -6.40
CA GLN A 58 -5.98 -3.56 -6.53
C GLN A 58 -4.94 -3.06 -7.53
N PRO A 59 -5.34 -2.69 -8.75
CA PRO A 59 -4.40 -2.05 -9.65
C PRO A 59 -3.87 -0.77 -9.02
N PRO A 60 -2.64 -0.39 -9.34
CA PRO A 60 -2.08 0.86 -8.81
C PRO A 60 -3.02 2.04 -9.07
N GLY A 61 -3.34 2.75 -7.99
CA GLY A 61 -4.20 3.92 -8.10
C GLY A 61 -5.66 3.63 -8.36
N LYS A 62 -6.10 2.39 -8.24
CA LYS A 62 -7.51 2.08 -8.49
C LYS A 62 -8.14 1.42 -7.26
N GLY A 63 -9.40 0.92 -7.43
CA GLY A 63 -10.17 0.34 -6.35
C GLY A 63 -9.94 -1.17 -6.21
N LEU A 64 -10.48 -1.71 -5.12
CA LEU A 64 -10.42 -3.14 -4.86
C LEU A 64 -11.28 -3.90 -5.84
N GLU A 65 -10.78 -5.06 -6.32
CA GLU A 65 -11.53 -5.99 -7.17
C GLU A 65 -11.41 -7.41 -6.62
N TRP A 66 -12.54 -8.01 -6.25
CA TRP A 66 -12.50 -9.37 -5.72
C TRP A 66 -12.21 -10.37 -6.85
N ILE A 67 -11.49 -11.43 -6.51
CA ILE A 67 -11.14 -12.47 -7.48
C ILE A 67 -11.91 -13.77 -7.22
N GLY A 68 -11.85 -14.27 -5.99
CA GLY A 68 -12.54 -15.51 -5.69
C GLY A 68 -12.32 -15.96 -4.27
N ARG A 69 -13.03 -17.02 -3.92
CA ARG A 69 -12.96 -17.61 -2.58
C ARG A 69 -13.00 -19.12 -2.75
N ILE A 70 -12.26 -19.82 -1.89
CA ILE A 70 -12.41 -21.26 -1.77
C ILE A 70 -12.60 -21.56 -0.30
N ASP A 71 -13.47 -22.53 0.00
CA ASP A 71 -13.76 -22.84 1.40
C ASP A 71 -13.44 -24.30 1.69
N SER A 72 -13.64 -24.67 2.96
CA SER A 72 -13.24 -26.00 3.43
C SER A 72 -14.15 -27.09 2.90
N ILE A 73 -15.35 -26.75 2.45
CA ILE A 73 -16.21 -27.74 1.78
C ILE A 73 -15.68 -28.11 0.41
N GLY A 74 -14.73 -27.36 -0.13
CA GLY A 74 -14.23 -27.53 -1.49
C GLY A 74 -14.81 -26.56 -2.51
N ASN A 75 -15.83 -25.79 -2.14
CA ASN A 75 -16.53 -24.91 -3.08
C ASN A 75 -15.69 -23.71 -3.46
N THR A 76 -15.78 -23.29 -4.72
CA THR A 76 -15.08 -22.11 -5.19
C THR A 76 -16.08 -21.08 -5.71
N TYR A 77 -15.73 -19.83 -5.55
CA TYR A 77 -16.52 -18.73 -6.07
C TYR A 77 -15.55 -17.80 -6.78
N TYR A 78 -15.93 -17.33 -7.97
CA TYR A 78 -15.06 -16.54 -8.83
C TYR A 78 -15.75 -15.25 -9.24
N ASN A 79 -15.00 -14.16 -9.36
CA ASN A 79 -15.54 -12.94 -9.96
C ASN A 79 -16.02 -13.28 -11.37
N PRO A 80 -17.29 -13.05 -11.71
CA PRO A 80 -17.76 -13.43 -13.08
C PRO A 80 -16.90 -12.88 -14.21
N SER A 81 -16.26 -11.73 -14.04
CA SER A 81 -15.50 -11.16 -15.14
C SER A 81 -14.10 -11.74 -15.27
N LEU A 82 -13.64 -12.54 -14.27
CA LEU A 82 -12.39 -13.30 -14.34
C LEU A 82 -12.59 -14.81 -14.35
N ARG A 83 -13.84 -15.28 -14.35
CA ARG A 83 -14.13 -16.70 -14.13
C ARG A 83 -13.27 -17.61 -14.99
N SER A 84 -13.31 -17.42 -16.30
CA SER A 84 -12.69 -18.40 -17.17
C SER A 84 -11.18 -18.47 -17.02
N ARG A 85 -10.55 -17.49 -16.38
CA ARG A 85 -9.11 -17.42 -16.28
C ARG A 85 -8.56 -17.81 -14.90
N VAL A 86 -9.43 -17.92 -13.92
CA VAL A 86 -9.01 -18.08 -12.53
C VAL A 86 -9.18 -19.53 -12.10
N THR A 87 -8.17 -20.06 -11.42
CA THR A 87 -8.29 -21.28 -10.65
C THR A 87 -7.74 -21.02 -9.24
N LEU A 88 -8.55 -21.36 -8.24
CA LEU A 88 -8.12 -21.32 -6.84
C LEU A 88 -7.96 -22.73 -6.31
N SER A 89 -6.96 -22.93 -5.44
CA SER A 89 -6.78 -24.22 -4.77
C SER A 89 -6.16 -23.99 -3.40
N VAL A 90 -6.34 -24.98 -2.51
CA VAL A 90 -5.78 -24.86 -1.17
C VAL A 90 -5.36 -26.24 -0.68
N ASP A 91 -4.18 -26.29 -0.04
CA ASP A 91 -3.66 -27.51 0.57
C ASP A 91 -3.33 -27.16 2.02
N THR A 92 -4.16 -27.61 2.96
CA THR A 92 -3.91 -27.16 4.32
C THR A 92 -2.68 -27.81 4.92
N SER A 93 -2.35 -29.04 4.52
CA SER A 93 -1.13 -29.68 5.03
C SER A 93 0.14 -28.95 4.59
N LYS A 94 0.14 -28.38 3.37
CA LYS A 94 1.28 -27.58 2.92
C LYS A 94 1.17 -26.13 3.38
N ASN A 95 0.02 -25.73 3.90
CA ASN A 95 -0.21 -24.33 4.21
C ASN A 95 -0.09 -23.47 2.95
N GLN A 96 -0.78 -23.87 1.89
CA GLN A 96 -0.63 -23.23 0.59
C GLN A 96 -1.99 -22.90 0.02
N PHE A 97 -2.26 -21.61 -0.13
CA PHE A 97 -3.45 -21.12 -0.82
C PHE A 97 -2.98 -20.57 -2.16
N SER A 98 -3.56 -21.06 -3.25
CA SER A 98 -2.98 -20.82 -4.56
C SER A 98 -3.96 -20.10 -5.47
N LEU A 99 -3.40 -19.27 -6.36
CA LEU A 99 -4.13 -18.59 -7.42
C LEU A 99 -3.37 -18.80 -8.72
N GLU A 100 -4.08 -19.21 -9.77
CA GLU A 100 -3.56 -19.19 -11.13
C GLU A 100 -4.51 -18.38 -12.00
N LEU A 101 -3.97 -17.35 -12.64
CA LEU A 101 -4.70 -16.46 -13.54
C LEU A 101 -4.05 -16.59 -14.90
N THR A 102 -4.80 -17.07 -15.88
CA THR A 102 -4.21 -17.34 -17.19
C THR A 102 -4.33 -16.12 -18.10
N SER A 103 -3.54 -16.14 -19.18
CA SER A 103 -3.65 -15.16 -20.27
C SER A 103 -3.65 -13.73 -19.75
N VAL A 104 -2.67 -13.42 -18.89
CA VAL A 104 -2.64 -12.09 -18.29
C VAL A 104 -2.32 -11.01 -19.33
N THR A 105 -2.85 -9.82 -19.08
CA THR A 105 -2.52 -8.60 -19.80
C THR A 105 -2.15 -7.51 -18.80
N ALA A 106 -1.83 -6.34 -19.35
CA ALA A 106 -1.51 -5.17 -18.54
C ALA A 106 -2.58 -4.86 -17.52
N ALA A 107 -3.84 -5.19 -17.81
CA ALA A 107 -4.92 -4.91 -16.88
C ALA A 107 -4.79 -5.74 -15.61
N ASP A 108 -3.99 -6.80 -15.62
CA ASP A 108 -3.82 -7.67 -14.45
C ASP A 108 -2.69 -7.21 -13.55
N THR A 109 -1.94 -6.17 -13.95
CA THR A 109 -0.96 -5.59 -13.05
C THR A 109 -1.69 -5.03 -11.82
N ALA A 110 -1.29 -5.48 -10.62
CA ALA A 110 -2.03 -5.13 -9.42
C ALA A 110 -1.28 -5.64 -8.19
N VAL A 111 -1.67 -5.10 -7.04
CA VAL A 111 -1.37 -5.76 -5.77
C VAL A 111 -2.42 -6.85 -5.57
N TYR A 112 -1.95 -8.08 -5.30
CA TYR A 112 -2.80 -9.22 -5.01
C TYR A 112 -2.78 -9.49 -3.50
N TYR A 113 -3.95 -9.44 -2.86
CA TYR A 113 -4.07 -9.67 -1.42
C TYR A 113 -4.76 -10.99 -1.14
N CYS A 114 -4.20 -11.75 -0.19
CA CYS A 114 -4.84 -12.90 0.40
C CYS A 114 -5.62 -12.47 1.64
N ALA A 115 -6.80 -13.05 1.85
CA ALA A 115 -7.63 -12.72 3.00
C ALA A 115 -8.21 -13.99 3.60
N ARG A 116 -8.35 -14.00 4.93
CA ARG A 116 -8.78 -15.19 5.64
C ARG A 116 -9.37 -14.71 6.93
N PRO A 117 -10.48 -15.26 7.40
CA PRO A 117 -11.07 -14.73 8.65
C PRO A 117 -10.13 -14.96 9.82
N TYR A 118 -9.94 -13.89 10.61
CA TYR A 118 -9.30 -13.99 11.92
C TYR A 118 -10.36 -14.32 12.96
N CYS A 119 -10.15 -15.41 13.69
CA CYS A 119 -11.19 -16.01 14.51
C CYS A 119 -10.67 -16.22 15.91
N ALA A 120 -11.28 -15.53 16.86
CA ALA A 120 -11.10 -15.73 18.30
C ALA A 120 -12.34 -16.44 18.84
N ILE A 121 -12.28 -16.85 20.11
CA ILE A 121 -13.48 -17.45 20.65
C ILE A 121 -14.64 -16.46 20.51
N GLY A 122 -15.70 -16.87 19.83
CA GLY A 122 -16.90 -16.07 19.71
C GLY A 122 -16.90 -14.95 18.69
N ARG A 123 -15.85 -14.78 17.88
CA ARG A 123 -15.80 -13.65 16.97
C ARG A 123 -14.94 -14.00 15.76
N CYS A 124 -15.35 -13.53 14.58
CA CYS A 124 -14.62 -13.74 13.33
C CYS A 124 -14.87 -12.55 12.43
N TYR A 125 -13.81 -12.09 11.76
CA TYR A 125 -13.91 -11.10 10.69
C TYR A 125 -12.65 -11.19 9.85
N GLU A 126 -12.73 -10.65 8.64
CA GLU A 126 -11.70 -10.88 7.64
C GLU A 126 -10.43 -10.11 7.96
N SER A 127 -9.28 -10.79 7.76
CA SER A 127 -7.95 -10.22 7.92
CA SER A 127 -7.98 -10.16 7.89
C SER A 127 -7.21 -10.42 6.60
N TRP A 128 -6.49 -9.39 6.13
CA TRP A 128 -5.80 -9.48 4.86
C TRP A 128 -4.29 -9.45 5.03
N GLY A 129 -3.58 -10.14 4.11
CA GLY A 129 -2.13 -9.99 3.98
C GLY A 129 -1.78 -8.59 3.50
N GLN A 130 -0.48 -8.29 3.45
CA GLN A 130 -0.11 -6.96 2.98
C GLN A 130 -0.01 -6.89 1.46
N GLY A 131 -0.19 -8.00 0.74
CA GLY A 131 -0.25 -7.91 -0.72
C GLY A 131 1.11 -8.09 -1.37
N VAL A 132 1.09 -8.61 -2.59
CA VAL A 132 2.29 -8.63 -3.43
C VAL A 132 1.96 -7.99 -4.78
N LEU A 133 2.82 -7.09 -5.22
CA LEU A 133 2.61 -6.44 -6.50
C LEU A 133 3.06 -7.36 -7.62
N VAL A 134 2.18 -7.58 -8.59
CA VAL A 134 2.54 -8.31 -9.80
C VAL A 134 2.39 -7.38 -10.99
N THR A 135 3.44 -7.30 -11.80
CA THR A 135 3.46 -6.43 -12.98
C THR A 135 3.45 -7.29 -14.23
N VAL A 136 2.58 -6.97 -15.17
CA VAL A 136 2.57 -7.69 -16.44
C VAL A 136 3.28 -6.82 -17.46
N SER A 137 4.43 -7.28 -17.92
CA SER A 137 5.26 -6.51 -18.83
C SER A 137 6.15 -7.43 -19.65
N SER A 138 6.44 -6.98 -20.87
CA SER A 138 7.42 -7.66 -21.73
C SER A 138 8.85 -7.39 -21.31
N ALA A 139 9.11 -6.31 -20.59
CA ALA A 139 10.47 -5.93 -20.28
C ALA A 139 11.08 -6.90 -19.27
N SER A 140 12.41 -6.96 -19.25
CA SER A 140 13.12 -7.88 -18.37
C SER A 140 13.38 -7.27 -17.00
N THR A 141 13.50 -8.15 -16.01
CA THR A 141 13.78 -7.70 -14.67
C THR A 141 15.17 -7.07 -14.64
N LYS A 142 15.28 -5.87 -14.06
CA LYS A 142 16.56 -5.20 -13.85
C LYS A 142 16.78 -4.98 -12.35
N GLY A 143 17.92 -5.45 -11.81
CA GLY A 143 18.24 -5.27 -10.42
C GLY A 143 18.78 -3.89 -10.11
N PRO A 144 18.54 -3.42 -8.89
CA PRO A 144 18.97 -2.07 -8.51
C PRO A 144 20.46 -1.92 -8.31
N SER A 145 20.92 -0.69 -8.47
CA SER A 145 22.27 -0.31 -8.08
C SER A 145 22.16 0.66 -6.90
N VAL A 146 22.92 0.41 -5.83
CA VAL A 146 22.71 1.13 -4.57
C VAL A 146 23.91 1.99 -4.29
N PHE A 147 23.65 3.28 -4.07
CA PHE A 147 24.76 4.18 -3.76
C PHE A 147 24.51 4.90 -2.45
N PRO A 148 25.54 5.05 -1.63
CA PRO A 148 25.37 5.67 -0.32
C PRO A 148 25.28 7.17 -0.46
N LEU A 149 24.36 7.76 0.28
CA LEU A 149 24.24 9.21 0.40
C LEU A 149 24.86 9.60 1.74
N ALA A 150 26.07 10.16 1.69
CA ALA A 150 26.84 10.38 2.90
C ALA A 150 26.17 11.40 3.84
N PRO A 151 26.49 11.34 5.13
CA PRO A 151 25.80 12.17 6.13
C PRO A 151 25.73 13.65 5.77
N SER A 152 24.53 14.21 5.92
CA SER A 152 24.25 15.64 5.76
C SER A 152 23.57 16.14 7.04
N SER A 153 24.13 17.19 7.63
CA SER A 153 23.61 17.71 8.90
C SER A 153 22.82 19.01 8.70
N GLY A 159 21.39 19.63 14.88
CA GLY A 159 22.11 18.71 15.74
C GLY A 159 21.95 17.28 15.25
N THR A 160 20.96 17.09 14.37
CA THR A 160 20.77 15.85 13.65
C THR A 160 21.71 15.78 12.44
N ALA A 161 21.75 14.60 11.82
CA ALA A 161 22.42 14.38 10.54
C ALA A 161 21.56 13.47 9.69
N ALA A 162 21.48 13.74 8.40
CA ALA A 162 20.73 12.91 7.47
C ALA A 162 21.70 12.10 6.63
N LEU A 163 21.38 10.83 6.45
CA LEU A 163 22.15 10.01 5.54
C LEU A 163 21.18 9.04 4.90
N GLY A 164 21.54 8.57 3.71
CA GLY A 164 20.58 7.74 3.03
C GLY A 164 21.25 6.85 1.99
N CYS A 165 20.41 6.21 1.20
N CYS A 165 20.42 6.15 1.23
CA CYS A 165 20.83 5.34 0.12
CA CYS A 165 20.97 5.43 0.10
C CYS A 165 20.02 5.67 -1.12
C CYS A 165 20.05 5.58 -1.10
N LEU A 166 20.70 5.67 -2.26
CA LEU A 166 20.07 5.85 -3.55
C LEU A 166 20.04 4.49 -4.23
N VAL A 167 18.83 4.01 -4.52
CA VAL A 167 18.58 2.76 -5.22
C VAL A 167 18.16 3.08 -6.65
N LYS A 168 19.04 2.82 -7.61
CA LYS A 168 18.87 3.28 -8.99
C LYS A 168 18.55 2.16 -9.97
N ASP A 169 17.60 2.46 -10.88
CA ASP A 169 17.49 1.78 -12.18
C ASP A 169 17.04 0.34 -12.06
N TYR A 170 15.96 0.12 -11.37
CA TYR A 170 15.44 -1.22 -11.25
C TYR A 170 14.10 -1.33 -11.97
N PHE A 171 13.68 -2.57 -12.15
CA PHE A 171 12.38 -2.82 -12.73
C PHE A 171 11.99 -4.26 -12.44
N PRO A 172 10.73 -4.56 -12.11
CA PRO A 172 9.58 -3.71 -11.80
C PRO A 172 9.65 -3.30 -10.35
N GLU A 173 8.61 -2.66 -9.85
CA GLU A 173 8.49 -2.40 -8.43
C GLU A 173 8.10 -3.68 -7.70
N PRO A 174 8.30 -3.74 -6.37
CA PRO A 174 8.83 -2.67 -5.56
C PRO A 174 10.23 -3.00 -5.07
N VAL A 175 10.87 -1.99 -4.51
CA VAL A 175 12.05 -2.15 -3.67
C VAL A 175 11.63 -1.84 -2.24
N THR A 176 12.13 -2.61 -1.28
CA THR A 176 11.95 -2.21 0.11
C THR A 176 13.32 -1.95 0.71
N VAL A 177 13.36 -1.02 1.68
CA VAL A 177 14.63 -0.66 2.31
C VAL A 177 14.46 -0.71 3.82
N SER A 178 15.37 -1.39 4.50
CA SER A 178 15.47 -1.32 5.95
C SER A 178 16.82 -0.75 6.31
N TRP A 179 17.01 -0.41 7.60
CA TRP A 179 18.29 0.09 8.07
C TRP A 179 18.80 -0.73 9.26
N ASN A 180 20.09 -1.05 9.25
CA ASN A 180 20.73 -1.92 10.25
C ASN A 180 19.85 -3.14 10.53
N SER A 181 19.49 -3.82 9.44
CA SER A 181 18.61 -5.00 9.46
C SER A 181 17.39 -4.82 10.37
N GLY A 182 16.77 -3.62 10.30
CA GLY A 182 15.52 -3.36 11.00
C GLY A 182 15.70 -2.76 12.39
N ALA A 183 16.88 -2.87 12.98
CA ALA A 183 17.16 -2.26 14.27
C ALA A 183 16.92 -0.76 14.28
N LEU A 184 16.98 -0.12 13.11
CA LEU A 184 16.88 1.34 13.01
C LEU A 184 15.61 1.67 12.21
N THR A 185 14.57 2.14 12.91
CA THR A 185 13.28 2.47 12.30
C THR A 185 12.83 3.90 12.52
N SER A 186 13.30 4.56 13.58
CA SER A 186 12.88 5.92 13.86
C SER A 186 13.65 6.89 13.00
N GLY A 187 12.94 7.86 12.43
CA GLY A 187 13.54 8.78 11.48
C GLY A 187 13.82 8.21 10.10
N VAL A 188 13.28 7.03 9.76
CA VAL A 188 13.49 6.44 8.44
C VAL A 188 12.36 6.86 7.51
N HIS A 189 12.71 7.27 6.31
CA HIS A 189 11.75 7.71 5.32
C HIS A 189 12.21 7.17 3.97
N THR A 190 11.54 6.13 3.48
CA THR A 190 11.75 5.61 2.13
C THR A 190 10.71 6.27 1.22
N PHE A 191 11.17 7.11 0.29
CA PHE A 191 10.33 7.89 -0.61
C PHE A 191 9.74 7.01 -1.73
N PRO A 192 8.57 7.40 -2.26
CA PRO A 192 8.05 6.72 -3.45
C PRO A 192 9.04 6.82 -4.61
N ALA A 193 8.96 5.84 -5.50
CA ALA A 193 9.97 5.78 -6.54
C ALA A 193 9.60 6.74 -7.67
N VAL A 194 10.62 7.27 -8.34
CA VAL A 194 10.44 7.98 -9.59
C VAL A 194 10.48 6.98 -10.74
N LEU A 195 9.63 7.18 -11.75
CA LEU A 195 9.68 6.40 -12.98
C LEU A 195 10.32 7.24 -14.08
N GLN A 196 11.51 6.84 -14.51
CA GLN A 196 12.27 7.60 -15.49
C GLN A 196 11.79 7.27 -16.90
N SER A 197 12.14 8.15 -17.85
CA SER A 197 11.73 7.91 -19.23
C SER A 197 12.27 6.57 -19.73
N SER A 198 13.45 6.16 -19.25
CA SER A 198 13.99 4.84 -19.53
C SER A 198 12.99 3.72 -19.29
N GLY A 199 12.00 3.94 -18.44
CA GLY A 199 11.21 2.83 -17.97
C GLY A 199 11.69 2.21 -16.66
N LEU A 200 12.83 2.64 -16.13
CA LEU A 200 13.32 2.07 -14.88
C LEU A 200 12.99 2.99 -13.70
N TYR A 201 12.89 2.40 -12.52
CA TYR A 201 12.57 3.14 -11.32
C TYR A 201 13.82 3.43 -10.50
N SER A 202 13.71 4.46 -9.68
CA SER A 202 14.73 4.79 -8.72
C SER A 202 14.03 5.30 -7.48
N LEU A 203 14.60 5.01 -6.32
CA LEU A 203 14.07 5.60 -5.11
C LEU A 203 15.22 5.90 -4.16
N SER A 204 14.88 6.61 -3.09
CA SER A 204 15.83 7.04 -2.08
C SER A 204 15.22 6.71 -0.73
N SER A 205 16.06 6.32 0.23
CA SER A 205 15.60 6.17 1.61
C SER A 205 16.60 6.92 2.47
N VAL A 206 16.09 7.67 3.45
CA VAL A 206 16.91 8.57 4.24
C VAL A 206 16.65 8.33 5.72
N VAL A 207 17.69 8.49 6.54
CA VAL A 207 17.59 8.32 7.98
C VAL A 207 18.26 9.51 8.65
N THR A 208 17.61 10.01 9.69
CA THR A 208 18.15 11.06 10.55
C THR A 208 18.68 10.43 11.82
N VAL A 209 19.95 10.68 12.11
CA VAL A 209 20.64 10.05 13.24
C VAL A 209 21.36 11.15 14.02
N PRO A 210 21.65 10.90 15.30
CA PRO A 210 22.44 11.87 16.07
C PRO A 210 23.82 12.02 15.45
N SER A 211 24.12 13.25 15.01
CA SER A 211 25.44 13.52 14.45
C SER A 211 26.53 13.09 15.40
N SER A 212 26.25 13.14 16.70
CA SER A 212 27.16 12.59 17.70
C SER A 212 27.62 11.17 17.36
N SER A 213 26.79 10.41 16.64
CA SER A 213 26.99 8.98 16.46
C SER A 213 27.91 8.63 15.30
N LEU A 214 28.22 9.56 14.41
CA LEU A 214 28.74 9.20 13.10
C LEU A 214 30.07 8.44 13.15
N GLY A 215 30.79 8.48 14.27
CA GLY A 215 32.02 7.72 14.38
C GLY A 215 31.86 6.48 15.25
N THR A 216 30.89 6.54 16.16
CA THR A 216 30.67 5.47 17.13
C THR A 216 29.89 4.30 16.53
N GLN A 217 29.01 4.56 15.56
CA GLN A 217 28.11 3.53 15.05
C GLN A 217 28.11 3.48 13.53
N THR A 218 27.85 2.30 12.99
CA THR A 218 27.80 2.08 11.55
C THR A 218 26.35 2.06 11.09
N TYR A 219 26.13 2.54 9.87
CA TYR A 219 24.80 2.60 9.27
C TYR A 219 24.83 1.84 7.95
N ILE A 220 23.96 0.84 7.83
CA ILE A 220 23.88 0.05 6.62
C ILE A 220 22.44 0.01 6.17
N CYS A 221 22.21 0.31 4.90
CA CYS A 221 20.87 0.14 4.38
C CYS A 221 20.79 -1.20 3.65
N ASN A 222 19.69 -1.90 3.90
CA ASN A 222 19.42 -3.24 3.40
C ASN A 222 18.37 -3.10 2.32
N VAL A 223 18.75 -3.35 1.07
CA VAL A 223 17.85 -3.15 -0.05
C VAL A 223 17.40 -4.51 -0.58
N ASN A 224 16.10 -4.68 -0.71
CA ASN A 224 15.52 -5.89 -1.26
C ASN A 224 14.72 -5.59 -2.51
N HIS A 225 15.02 -6.29 -3.59
CA HIS A 225 14.23 -6.26 -4.83
C HIS A 225 13.85 -7.71 -5.09
N LYS A 226 12.66 -8.11 -4.63
CA LYS A 226 12.23 -9.51 -4.79
C LYS A 226 12.17 -9.97 -6.24
N PRO A 227 11.77 -9.15 -7.21
CA PRO A 227 11.65 -9.69 -8.58
C PRO A 227 12.96 -10.15 -9.20
N SER A 228 14.09 -9.56 -8.82
CA SER A 228 15.38 -10.00 -9.32
C SER A 228 16.14 -10.82 -8.30
N ASN A 229 15.49 -11.15 -7.18
CA ASN A 229 16.13 -11.88 -6.09
C ASN A 229 17.44 -11.20 -5.69
N THR A 230 17.44 -9.87 -5.80
CA THR A 230 18.58 -9.06 -5.43
C THR A 230 18.43 -8.59 -3.99
N LYS A 231 19.49 -8.79 -3.20
CA LYS A 231 19.53 -8.21 -1.86
C LYS A 231 20.89 -7.54 -1.71
N VAL A 232 20.89 -6.32 -1.19
CA VAL A 232 22.12 -5.55 -1.11
C VAL A 232 22.24 -4.94 0.28
N ASP A 233 23.44 -5.02 0.85
CA ASP A 233 23.80 -4.30 2.07
C ASP A 233 24.81 -3.23 1.68
N LYS A 234 24.52 -1.98 2.01
CA LYS A 234 25.37 -0.85 1.61
C LYS A 234 25.69 -0.05 2.86
N ARG A 235 26.95 -0.10 3.27
CA ARG A 235 27.44 0.67 4.40
C ARG A 235 27.54 2.13 4.01
N VAL A 236 26.93 2.99 4.82
CA VAL A 236 26.90 4.42 4.55
C VAL A 236 27.78 5.07 5.60
N GLU A 237 28.94 5.55 5.18
CA GLU A 237 29.95 6.18 6.02
C GLU A 237 30.07 7.66 5.69
N PRO A 238 30.79 8.42 6.53
CA PRO A 238 31.29 9.76 6.20
C PRO A 238 32.78 9.73 5.82
N GLU B 20 -25.62 -7.20 -13.53
CA GLU B 20 -24.71 -7.41 -12.41
C GLU B 20 -25.14 -6.51 -11.24
N VAL B 21 -24.58 -6.77 -10.08
CA VAL B 21 -24.90 -6.03 -8.88
C VAL B 21 -23.75 -5.08 -8.62
N VAL B 22 -24.06 -3.79 -8.39
CA VAL B 22 -23.03 -2.80 -8.13
C VAL B 22 -23.34 -2.09 -6.81
N PHE B 23 -22.28 -1.63 -6.12
CA PHE B 23 -22.40 -0.85 -4.88
C PHE B 23 -21.72 0.50 -5.15
N THR B 24 -22.48 1.59 -5.16
CA THR B 24 -21.87 2.86 -5.51
C THR B 24 -21.64 3.69 -4.25
N GLN B 25 -20.56 4.43 -4.24
CA GLN B 25 -20.20 5.29 -3.11
C GLN B 25 -19.94 6.69 -3.62
N PRO B 26 -20.06 7.69 -2.77
CA PRO B 26 -19.63 9.03 -3.16
C PRO B 26 -18.12 9.03 -3.37
N HIS B 27 -17.66 9.83 -4.34
CA HIS B 27 -16.23 9.79 -4.64
C HIS B 27 -15.41 10.38 -3.49
N SER B 28 -16.00 11.29 -2.74
CA SER B 28 -15.27 12.14 -1.85
C SER B 28 -16.21 12.56 -0.73
N VAL B 29 -15.77 12.40 0.50
CA VAL B 29 -16.48 12.96 1.64
C VAL B 29 -15.46 13.77 2.41
N SER B 30 -15.91 14.86 3.02
CA SER B 30 -14.97 15.63 3.80
C SER B 30 -15.73 16.30 4.95
N GLY B 31 -14.99 16.59 6.01
CA GLY B 31 -15.55 17.23 7.17
C GLY B 31 -14.41 17.85 7.94
N SER B 32 -14.75 18.82 8.78
N SER B 32 -14.74 18.82 8.77
CA SER B 32 -13.79 19.41 9.68
CA SER B 32 -13.72 19.38 9.65
C SER B 32 -13.74 18.62 10.99
C SER B 32 -13.74 18.63 10.97
N PRO B 33 -12.66 18.73 11.75
CA PRO B 33 -12.57 17.94 12.99
C PRO B 33 -13.74 18.21 13.91
N GLY B 34 -14.27 17.13 14.48
CA GLY B 34 -15.41 17.18 15.35
C GLY B 34 -16.71 16.86 14.64
N GLN B 35 -16.76 16.97 13.32
CA GLN B 35 -18.01 16.72 12.64
C GLN B 35 -18.33 15.24 12.61
N THR B 36 -19.61 14.93 12.45
CA THR B 36 -20.00 13.61 11.99
C THR B 36 -20.07 13.59 10.46
N VAL B 37 -19.43 12.62 9.86
CA VAL B 37 -19.54 12.42 8.41
C VAL B 37 -20.12 11.04 8.20
N THR B 38 -20.80 10.86 7.07
CA THR B 38 -21.33 9.56 6.71
CA THR B 38 -21.34 9.58 6.69
C THR B 38 -20.89 9.25 5.27
N ILE B 39 -20.69 7.97 5.00
CA ILE B 39 -20.35 7.50 3.66
C ILE B 39 -21.39 6.46 3.30
N SER B 40 -22.09 6.66 2.19
CA SER B 40 -23.12 5.72 1.83
C SER B 40 -22.63 4.71 0.79
N CYS B 41 -23.39 3.62 0.68
CA CYS B 41 -23.02 2.46 -0.13
C CYS B 41 -24.35 1.97 -0.68
N THR B 42 -24.68 2.35 -1.92
CA THR B 42 -26.00 2.08 -2.49
C THR B 42 -25.94 0.85 -3.40
N ARG B 43 -26.81 -0.11 -3.14
CA ARG B 43 -26.85 -1.33 -3.92
C ARG B 43 -27.77 -1.10 -5.10
N THR B 44 -27.26 -1.35 -6.32
CA THR B 44 -28.04 -0.98 -7.51
C THR B 44 -29.13 -1.97 -7.82
N SER B 45 -29.09 -3.17 -7.27
CA SER B 45 -29.97 -4.24 -7.72
C SER B 45 -30.00 -5.31 -6.63
N GLY B 46 -31.20 -5.83 -6.35
CA GLY B 46 -31.41 -6.67 -5.18
C GLY B 46 -31.43 -5.84 -3.91
N SER B 47 -31.80 -6.50 -2.80
CA SER B 47 -32.05 -5.84 -1.51
C SER B 47 -30.77 -5.71 -0.67
N ILE B 48 -30.53 -4.50 -0.13
CA ILE B 48 -29.31 -4.28 0.62
C ILE B 48 -29.28 -5.19 1.83
N ASP B 49 -30.47 -5.43 2.41
CA ASP B 49 -30.62 -6.24 3.62
C ASP B 49 -30.36 -7.72 3.37
N SER B 50 -30.16 -8.14 2.12
CA SER B 50 -30.09 -9.58 1.83
C SER B 50 -28.73 -10.21 2.19
N GLU B 51 -27.67 -9.42 2.29
CA GLU B 51 -26.34 -9.94 2.56
C GLU B 51 -25.63 -8.95 3.47
N TYR B 52 -24.73 -9.46 4.31
CA TYR B 52 -23.96 -8.59 5.19
C TYR B 52 -23.15 -7.58 4.39
N VAL B 53 -22.97 -6.41 4.99
CA VAL B 53 -22.17 -5.30 4.48
C VAL B 53 -20.97 -5.10 5.39
N GLN B 54 -19.78 -5.07 4.79
CA GLN B 54 -18.54 -4.80 5.50
C GLN B 54 -18.02 -3.45 5.03
N TRP B 55 -17.25 -2.80 5.91
CA TRP B 55 -16.56 -1.57 5.55
C TRP B 55 -15.09 -1.74 5.77
N TYR B 56 -14.30 -1.39 4.76
CA TYR B 56 -12.86 -1.45 4.84
C TYR B 56 -12.28 -0.05 4.82
N GLN B 57 -11.22 0.15 5.59
CA GLN B 57 -10.42 1.36 5.56
C GLN B 57 -9.07 1.07 4.95
N GLN B 58 -8.57 1.96 4.09
CA GLN B 58 -7.23 1.78 3.55
C GLN B 58 -6.42 3.05 3.72
N ARG B 59 -5.27 2.93 4.38
CA ARG B 59 -4.31 4.00 4.53
C ARG B 59 -3.18 3.84 3.54
N PRO B 60 -2.45 4.92 3.26
CA PRO B 60 -1.32 4.83 2.33
C PRO B 60 -0.39 3.65 2.60
N GLY B 61 -0.04 2.92 1.54
CA GLY B 61 0.95 1.87 1.63
C GLY B 61 0.57 0.65 2.45
N SER B 62 -0.70 0.47 2.82
CA SER B 62 -1.08 -0.69 3.60
C SER B 62 -2.31 -1.34 3.00
N ALA B 63 -2.52 -2.60 3.43
CA ALA B 63 -3.70 -3.34 3.02
C ALA B 63 -4.98 -2.79 3.68
N PRO B 64 -6.11 -3.00 3.07
CA PRO B 64 -7.40 -2.68 3.72
C PRO B 64 -7.55 -3.43 5.03
N THR B 65 -8.22 -2.78 6.02
CA THR B 65 -8.63 -3.41 7.25
C THR B 65 -10.12 -3.19 7.49
N ILE B 66 -10.77 -4.23 8.02
CA ILE B 66 -12.15 -4.09 8.49
C ILE B 66 -12.26 -3.01 9.55
N VAL B 67 -13.16 -2.05 9.33
CA VAL B 67 -13.66 -1.22 10.42
C VAL B 67 -15.07 -1.60 10.86
N ILE B 68 -15.92 -2.09 9.96
CA ILE B 68 -17.25 -2.56 10.34
C ILE B 68 -17.51 -3.88 9.63
N TYR B 69 -18.09 -4.84 10.34
CA TYR B 69 -18.51 -6.06 9.65
C TYR B 69 -19.90 -6.48 10.06
N ARG B 70 -20.48 -7.33 9.24
CA ARG B 70 -21.84 -7.82 9.49
C ARG B 70 -22.79 -6.66 9.78
N ASP B 71 -22.71 -5.65 8.91
CA ASP B 71 -23.58 -4.45 8.93
C ASP B 71 -23.15 -3.45 9.98
N ASN B 72 -22.96 -3.92 11.23
CA ASN B 72 -22.77 -2.91 12.27
C ASN B 72 -21.88 -3.36 13.42
N GLN B 73 -21.12 -4.44 13.27
CA GLN B 73 -20.20 -4.91 14.30
C GLN B 73 -18.84 -4.26 14.11
N ARG B 74 -18.13 -4.06 15.22
CA ARG B 74 -16.89 -3.32 15.17
C ARG B 74 -15.77 -4.13 15.81
N PRO B 75 -14.63 -4.33 15.14
CA PRO B 75 -13.50 -4.99 15.82
C PRO B 75 -13.05 -4.19 17.03
N SER B 76 -12.46 -4.90 18.02
CA SER B 76 -12.16 -4.30 19.32
C SER B 76 -11.26 -3.07 19.21
N GLY B 77 -10.25 -3.11 18.33
CA GLY B 77 -9.34 -1.97 18.21
C GLY B 77 -9.83 -0.83 17.33
N VAL B 78 -11.07 -0.87 16.85
CA VAL B 78 -11.59 0.20 15.99
C VAL B 78 -12.30 1.21 16.88
N PRO B 79 -11.98 2.52 16.78
CA PRO B 79 -12.64 3.51 17.63
C PRO B 79 -14.15 3.38 17.62
N ASP B 80 -14.77 3.68 18.77
CA ASP B 80 -16.23 3.63 18.85
C ASP B 80 -16.90 4.79 18.11
N ARG B 81 -16.15 5.79 17.67
CA ARG B 81 -16.67 6.82 16.75
C ARG B 81 -17.18 6.25 15.41
N PHE B 82 -16.75 5.03 15.03
CA PHE B 82 -17.18 4.37 13.79
C PHE B 82 -18.42 3.50 14.02
N SER B 83 -19.42 3.63 13.15
CA SER B 83 -20.55 2.70 13.23
C SER B 83 -21.17 2.50 11.84
N GLY B 84 -21.97 1.44 11.74
CA GLY B 84 -22.55 1.05 10.47
C GLY B 84 -24.04 0.91 10.60
N SER B 85 -24.75 1.14 9.48
CA SER B 85 -26.19 0.99 9.51
C SER B 85 -26.65 0.56 8.13
N ILE B 86 -27.86 0.05 8.07
CA ILE B 86 -28.52 -0.35 6.84
C ILE B 86 -29.81 0.45 6.71
N ASP B 87 -30.13 0.89 5.49
CA ASP B 87 -31.36 1.68 5.24
C ASP B 87 -32.12 1.01 4.08
N SER B 88 -33.12 0.19 4.43
CA SER B 88 -33.89 -0.53 3.42
C SER B 88 -34.49 0.40 2.37
N SER B 89 -34.96 1.58 2.78
CA SER B 89 -35.75 2.39 1.85
C SER B 89 -34.89 3.03 0.76
N SER B 90 -33.64 3.39 1.07
CA SER B 90 -32.73 3.85 0.04
C SER B 90 -31.89 2.72 -0.53
N ASN B 91 -32.14 1.48 -0.08
CA ASN B 91 -31.33 0.33 -0.44
C ASN B 91 -29.84 0.60 -0.25
N SER B 92 -29.47 1.22 0.86
N SER B 92 -29.47 1.22 0.86
CA SER B 92 -28.07 1.59 1.02
C SER B 92 -27.59 1.28 2.42
N ALA B 93 -26.27 1.16 2.56
CA ALA B 93 -25.61 1.06 3.85
C ALA B 93 -24.82 2.33 4.08
N SER B 94 -24.62 2.70 5.34
CA SER B 94 -23.84 3.87 5.70
C SER B 94 -22.80 3.56 6.75
N LEU B 95 -21.64 4.16 6.57
CA LEU B 95 -20.62 4.21 7.60
C LEU B 95 -20.62 5.62 8.18
N ALA B 96 -20.73 5.73 9.51
CA ALA B 96 -20.79 7.01 10.19
C ALA B 96 -19.57 7.18 11.07
N ILE B 97 -18.88 8.31 10.94
CA ILE B 97 -17.70 8.62 11.74
C ILE B 97 -18.05 9.85 12.55
N SER B 98 -18.23 9.68 13.86
CA SER B 98 -18.51 10.83 14.70
C SER B 98 -17.23 11.47 15.22
N GLY B 99 -17.34 12.72 15.63
CA GLY B 99 -16.18 13.41 16.16
C GLY B 99 -14.96 13.22 15.27
N LEU B 100 -15.13 13.55 14.00
CA LEU B 100 -14.05 13.37 13.03
C LEU B 100 -12.68 13.82 13.59
N LYS B 101 -11.66 13.00 13.35
CA LYS B 101 -10.25 13.26 13.70
C LYS B 101 -9.39 13.15 12.45
N SER B 102 -8.27 13.88 12.45
CA SER B 102 -7.29 13.79 11.36
C SER B 102 -6.95 12.34 10.97
N GLU B 103 -6.76 11.46 11.95
CA GLU B 103 -6.32 10.09 11.64
C GLU B 103 -7.38 9.29 10.91
N ASP B 104 -8.59 9.80 10.81
CA ASP B 104 -9.64 9.12 10.07
C ASP B 104 -9.45 9.28 8.57
N GLU B 105 -8.60 10.21 8.15
CA GLU B 105 -8.40 10.42 6.73
C GLU B 105 -7.85 9.16 6.06
N ALA B 106 -8.51 8.71 5.00
CA ALA B 106 -8.20 7.44 4.37
C ALA B 106 -9.17 7.17 3.22
N ASP B 107 -8.99 6.04 2.53
CA ASP B 107 -9.99 5.58 1.59
C ASP B 107 -10.88 4.57 2.28
N TYR B 108 -12.18 4.60 1.96
CA TYR B 108 -13.10 3.63 2.53
C TYR B 108 -13.84 2.90 1.43
N TYR B 109 -13.95 1.58 1.56
CA TYR B 109 -14.73 0.78 0.62
C TYR B 109 -15.79 0.00 1.37
N CYS B 110 -17.01 -0.05 0.85
CA CYS B 110 -17.91 -1.04 1.38
C CYS B 110 -17.76 -2.34 0.59
N GLN B 111 -18.24 -3.43 1.17
CA GLN B 111 -18.16 -4.73 0.52
C GLN B 111 -19.37 -5.55 0.93
N SER B 112 -20.04 -6.16 -0.05
CA SER B 112 -21.14 -7.05 0.28
C SER B 112 -21.10 -8.18 -0.72
N SER B 113 -22.23 -8.83 -0.92
CA SER B 113 -22.27 -10.02 -1.76
C SER B 113 -23.50 -9.96 -2.66
N ASP B 114 -23.41 -10.64 -3.80
CA ASP B 114 -24.57 -10.74 -4.68
C ASP B 114 -25.31 -12.03 -4.35
N ASP B 115 -26.23 -12.42 -5.23
CA ASP B 115 -27.05 -13.61 -5.01
C ASP B 115 -26.28 -14.93 -5.14
N SER B 116 -25.14 -14.95 -5.81
CA SER B 116 -24.33 -16.17 -5.84
C SER B 116 -23.29 -16.22 -4.74
N TYR B 117 -23.33 -15.32 -3.76
CA TYR B 117 -22.33 -15.29 -2.70
C TYR B 117 -20.98 -14.80 -3.20
N ASN B 118 -20.93 -14.19 -4.38
CA ASN B 118 -19.72 -13.51 -4.81
C ASN B 118 -19.57 -12.19 -4.03
N TRP B 119 -18.35 -11.90 -3.58
CA TRP B 119 -18.04 -10.56 -3.07
C TRP B 119 -18.09 -9.51 -4.17
N VAL B 120 -18.55 -8.31 -3.80
CA VAL B 120 -18.52 -7.14 -4.65
C VAL B 120 -18.07 -5.98 -3.79
N PHE B 121 -17.11 -5.19 -4.27
CA PHE B 121 -16.66 -4.01 -3.55
C PHE B 121 -17.35 -2.79 -4.13
N GLY B 122 -17.69 -1.83 -3.27
CA GLY B 122 -18.07 -0.51 -3.79
C GLY B 122 -16.84 0.17 -4.36
N GLY B 123 -17.05 1.27 -5.06
CA GLY B 123 -15.93 1.88 -5.76
C GLY B 123 -14.99 2.70 -4.92
N GLY B 124 -15.26 2.90 -3.62
CA GLY B 124 -14.29 3.60 -2.81
C GLY B 124 -14.65 5.07 -2.63
N THR B 125 -14.37 5.60 -1.44
CA THR B 125 -14.59 7.00 -1.10
C THR B 125 -13.32 7.57 -0.50
N ARG B 126 -12.86 8.72 -0.98
CA ARG B 126 -11.75 9.39 -0.28
C ARG B 126 -12.33 10.29 0.82
N LEU B 127 -11.93 10.06 2.07
CA LEU B 127 -12.34 10.90 3.19
C LEU B 127 -11.23 11.89 3.52
N THR B 128 -11.51 13.16 3.38
CA THR B 128 -10.57 14.23 3.68
C THR B 128 -11.00 14.95 4.95
N VAL B 129 -10.06 15.22 5.84
CA VAL B 129 -10.33 15.96 7.07
C VAL B 129 -9.80 17.39 6.85
N LEU B 130 -10.70 18.35 6.85
CA LEU B 130 -10.40 19.71 6.43
C LEU B 130 -9.68 20.47 7.54
N GLY B 131 -9.10 21.61 7.15
CA GLY B 131 -8.59 22.57 8.11
C GLY B 131 -7.22 22.27 8.66
N GLN B 132 -6.58 21.21 8.20
CA GLN B 132 -5.23 20.97 8.66
C GLN B 132 -4.34 22.17 8.28
N PRO B 133 -3.41 22.53 9.16
CA PRO B 133 -2.63 23.75 8.94
C PRO B 133 -1.52 23.58 7.91
N LYS B 134 -1.27 24.67 7.17
CA LYS B 134 -0.15 24.73 6.23
C LYS B 134 1.13 24.23 6.90
N ALA B 135 1.92 23.47 6.14
CA ALA B 135 3.17 22.86 6.61
C ALA B 135 4.25 23.05 5.56
N ALA B 136 5.31 23.76 5.93
CA ALA B 136 6.42 23.99 5.00
C ALA B 136 7.20 22.69 4.75
N PRO B 137 7.67 22.47 3.53
CA PRO B 137 8.46 21.26 3.26
C PRO B 137 9.82 21.31 3.94
N SER B 138 10.22 20.16 4.49
CA SER B 138 11.62 19.95 4.85
C SER B 138 12.39 19.49 3.62
N VAL B 139 13.58 20.04 3.42
CA VAL B 139 14.35 19.81 2.21
C VAL B 139 15.73 19.28 2.56
N THR B 140 16.11 18.20 1.89
CA THR B 140 17.42 17.58 2.02
C THR B 140 17.98 17.40 0.62
N LEU B 141 19.17 17.94 0.40
CA LEU B 141 19.82 17.87 -0.91
C LEU B 141 21.15 17.14 -0.74
N PHE B 142 21.31 16.04 -1.48
CA PHE B 142 22.54 15.23 -1.44
C PHE B 142 23.31 15.33 -2.74
N PRO B 143 24.62 15.49 -2.68
CA PRO B 143 25.44 15.45 -3.89
C PRO B 143 25.70 14.02 -4.33
N PRO B 144 26.29 13.83 -5.51
CA PRO B 144 26.64 12.46 -5.93
C PRO B 144 27.70 11.87 -5.02
N SER B 145 27.53 10.60 -4.64
CA SER B 145 28.57 9.92 -3.87
C SER B 145 29.79 9.66 -4.74
N SER B 146 30.94 9.52 -4.06
CA SER B 146 32.14 9.13 -4.77
C SER B 146 31.93 7.81 -5.50
N GLU B 147 31.27 6.84 -4.83
CA GLU B 147 30.94 5.57 -5.48
C GLU B 147 30.22 5.81 -6.81
N GLU B 148 29.15 6.59 -6.79
CA GLU B 148 28.46 6.85 -8.05
C GLU B 148 29.42 7.43 -9.08
N LEU B 149 30.31 8.33 -8.65
CA LEU B 149 31.18 8.98 -9.61
C LEU B 149 32.26 8.03 -10.13
N GLN B 150 32.75 7.10 -9.31
CA GLN B 150 33.62 6.04 -9.82
C GLN B 150 32.98 5.35 -11.02
N ALA B 151 31.66 5.15 -10.98
CA ALA B 151 30.92 4.50 -12.05
C ALA B 151 30.57 5.45 -13.19
N ASN B 152 31.20 6.63 -13.24
CA ASN B 152 31.01 7.58 -14.35
C ASN B 152 29.56 8.10 -14.44
N LYS B 153 28.89 8.20 -13.29
CA LYS B 153 27.52 8.69 -13.20
C LYS B 153 27.43 9.76 -12.11
N ALA B 154 26.40 10.60 -12.17
CA ALA B 154 26.21 11.58 -11.11
C ALA B 154 24.75 11.96 -11.00
N THR B 155 24.25 11.97 -9.77
CA THR B 155 22.84 12.22 -9.47
C THR B 155 22.79 13.15 -8.28
N LEU B 156 22.11 14.27 -8.42
CA LEU B 156 21.76 15.06 -7.24
C LEU B 156 20.37 14.62 -6.79
N VAL B 157 20.19 14.50 -5.48
CA VAL B 157 18.96 13.96 -4.94
C VAL B 157 18.37 14.99 -4.00
N CYS B 158 17.19 15.51 -4.36
CA CYS B 158 16.50 16.51 -3.56
C CYS B 158 15.25 15.87 -2.97
N LEU B 159 15.19 15.83 -1.64
CA LEU B 159 14.11 15.13 -0.94
C LEU B 159 13.27 16.13 -0.16
N ILE B 160 11.96 16.06 -0.34
CA ILE B 160 11.01 17.07 0.13
C ILE B 160 9.94 16.37 0.93
N SER B 161 9.80 16.71 2.21
CA SER B 161 8.89 15.93 3.05
C SER B 161 8.20 16.79 4.10
N ASP B 162 7.04 16.29 4.54
CA ASP B 162 6.28 16.88 5.63
C ASP B 162 5.67 18.22 5.22
N PHE B 163 5.12 18.30 4.02
CA PHE B 163 4.47 19.53 3.63
C PHE B 163 2.97 19.33 3.46
N TYR B 164 2.23 20.43 3.58
CA TYR B 164 0.79 20.47 3.39
C TYR B 164 0.38 21.89 3.04
N PRO B 165 -0.45 22.08 2.00
CA PRO B 165 -1.02 21.06 1.11
C PRO B 165 -0.04 20.36 0.13
N GLY B 166 -0.56 19.38 -0.59
CA GLY B 166 0.25 18.54 -1.44
C GLY B 166 0.52 19.07 -2.84
N ALA B 167 1.20 20.20 -2.95
CA ALA B 167 1.60 20.69 -4.25
C ALA B 167 2.90 21.46 -4.08
N VAL B 168 3.89 21.14 -4.88
CA VAL B 168 5.19 21.81 -4.86
C VAL B 168 5.66 22.00 -6.30
N THR B 169 6.69 22.82 -6.44
CA THR B 169 7.39 22.97 -7.70
C THR B 169 8.87 23.05 -7.39
N VAL B 170 9.66 22.28 -8.12
CA VAL B 170 11.10 22.16 -7.85
C VAL B 170 11.86 22.91 -8.93
N ALA B 171 12.78 23.76 -8.51
CA ALA B 171 13.72 24.43 -9.39
C ALA B 171 15.13 24.06 -8.99
N TRP B 172 16.01 23.90 -9.99
CA TRP B 172 17.40 23.54 -9.79
C TRP B 172 18.30 24.68 -10.26
N LYS B 173 19.44 24.86 -9.58
CA LYS B 173 20.34 25.97 -9.88
C LYS B 173 21.76 25.46 -10.09
N ALA B 174 22.53 26.22 -10.88
CA ALA B 174 23.93 25.91 -11.18
C ALA B 174 24.68 27.15 -11.65
N SER B 176 23.67 30.24 -10.40
CA SER B 176 22.61 31.21 -10.64
C SER B 176 21.84 30.88 -11.92
N SER B 177 22.45 30.06 -12.78
CA SER B 177 21.86 29.70 -14.06
C SER B 177 20.91 28.53 -13.89
N PRO B 178 19.74 28.56 -14.54
CA PRO B 178 18.71 27.55 -14.23
C PRO B 178 18.95 26.18 -14.85
N VAL B 179 19.52 25.25 -14.07
CA VAL B 179 19.60 23.85 -14.45
C VAL B 179 18.19 23.37 -14.83
N LYS B 180 18.02 23.02 -16.12
CA LYS B 180 16.69 22.70 -16.64
C LYS B 180 16.69 21.46 -17.51
N ALA B 181 17.65 20.55 -17.35
CA ALA B 181 17.77 19.38 -18.19
C ALA B 181 18.08 18.15 -17.34
N GLY B 182 17.40 17.04 -17.61
CA GLY B 182 17.64 15.82 -16.87
C GLY B 182 17.00 15.83 -15.50
N VAL B 183 15.75 16.27 -15.48
CA VAL B 183 15.00 16.45 -14.24
C VAL B 183 13.93 15.38 -14.19
N GLU B 184 13.81 14.71 -13.06
CA GLU B 184 12.68 13.83 -12.80
C GLU B 184 12.18 14.14 -11.39
N THR B 185 10.88 14.41 -11.27
CA THR B 185 10.29 14.79 -10.00
C THR B 185 9.07 13.94 -9.75
N THR B 186 8.93 13.40 -8.53
CA THR B 186 7.72 12.65 -8.25
C THR B 186 6.54 13.59 -8.11
N THR B 187 5.36 13.03 -8.18
CA THR B 187 4.29 13.90 -7.72
C THR B 187 4.13 13.72 -6.21
N PRO B 188 3.63 14.75 -5.52
CA PRO B 188 3.46 14.63 -4.07
C PRO B 188 2.64 13.41 -3.74
N SER B 189 3.05 12.68 -2.71
CA SER B 189 2.39 11.44 -2.33
C SER B 189 2.10 11.49 -0.83
N LYS B 190 0.91 11.04 -0.44
CA LYS B 190 0.49 11.29 0.93
C LYS B 190 1.19 10.32 1.87
N GLN B 191 1.81 10.86 2.92
CA GLN B 191 2.34 10.05 4.00
C GLN B 191 1.24 9.68 4.99
N SER B 192 1.59 8.84 5.97
CA SER B 192 0.61 8.35 6.94
C SER B 192 0.20 9.42 7.94
N ASN B 193 0.96 10.52 8.05
CA ASN B 193 0.58 11.64 8.91
C ASN B 193 -0.23 12.72 8.17
N ASN B 194 -0.80 12.39 7.01
CA ASN B 194 -1.54 13.31 6.14
C ASN B 194 -0.68 14.43 5.56
N LYS B 195 0.63 14.48 5.85
CA LYS B 195 1.53 15.35 5.10
C LYS B 195 2.02 14.63 3.85
N TYR B 196 2.73 15.36 2.98
CA TYR B 196 3.10 14.83 1.68
C TYR B 196 4.62 14.74 1.53
N ALA B 197 5.06 13.77 0.71
CA ALA B 197 6.46 13.67 0.36
C ALA B 197 6.61 13.69 -1.16
N ALA B 198 7.74 14.23 -1.60
CA ALA B 198 8.14 14.21 -3.01
C ALA B 198 9.66 14.15 -3.08
N SER B 199 10.17 13.82 -4.27
CA SER B 199 11.61 13.93 -4.47
C SER B 199 11.87 14.38 -5.89
N SER B 200 12.99 15.04 -6.07
CA SER B 200 13.48 15.41 -7.39
C SER B 200 14.91 14.92 -7.55
N TYR B 201 15.21 14.41 -8.76
CA TYR B 201 16.52 13.92 -9.13
C TYR B 201 17.05 14.67 -10.34
N LEU B 202 18.27 15.16 -10.26
CA LEU B 202 18.94 15.77 -11.39
C LEU B 202 20.09 14.86 -11.83
N SER B 203 20.07 14.43 -13.08
CA SER B 203 21.18 13.71 -13.67
C SER B 203 22.26 14.66 -14.19
N LEU B 204 23.49 14.15 -14.28
CA LEU B 204 24.59 14.90 -14.88
C LEU B 204 25.82 14.01 -14.97
N THR B 205 26.77 14.41 -15.83
CA THR B 205 28.03 13.69 -15.98
C THR B 205 28.99 14.06 -14.85
N PRO B 206 29.95 13.18 -14.55
CA PRO B 206 31.01 13.55 -13.61
C PRO B 206 31.64 14.92 -13.88
N GLU B 207 32.10 15.15 -15.12
CA GLU B 207 32.67 16.46 -15.45
C GLU B 207 31.72 17.59 -15.08
N GLN B 208 30.43 17.43 -15.37
CA GLN B 208 29.47 18.50 -15.11
C GLN B 208 29.45 18.90 -13.64
N TRP B 209 29.47 17.93 -12.74
CA TRP B 209 29.42 18.28 -11.32
C TRP B 209 30.67 19.04 -10.90
N LYS B 210 31.85 18.51 -11.25
CA LYS B 210 33.08 19.23 -10.97
C LYS B 210 33.13 20.57 -11.72
N SER B 211 32.42 20.67 -12.84
CA SER B 211 32.43 21.89 -13.67
C SER B 211 32.17 23.13 -12.84
N HIS B 212 31.02 23.18 -12.17
CA HIS B 212 30.51 24.40 -11.57
C HIS B 212 30.86 24.49 -10.09
N ARG B 213 30.60 25.65 -9.50
CA ARG B 213 30.94 25.91 -8.10
C ARG B 213 29.84 25.50 -7.14
N SER B 214 28.58 25.51 -7.59
CA SER B 214 27.48 25.20 -6.69
C SER B 214 26.30 24.65 -7.47
N TYR B 215 25.49 23.85 -6.78
CA TYR B 215 24.19 23.39 -7.26
C TYR B 215 23.21 23.52 -6.11
N SER B 216 22.02 24.04 -6.40
CA SER B 216 21.01 24.23 -5.38
C SER B 216 19.67 23.69 -5.85
N CYS B 217 18.88 23.20 -4.90
CA CYS B 217 17.51 22.77 -5.10
C CYS B 217 16.61 23.82 -4.47
N GLN B 218 15.60 24.29 -5.22
CA GLN B 218 14.68 25.30 -4.73
C GLN B 218 13.28 24.71 -4.78
N VAL B 219 12.71 24.47 -3.60
CA VAL B 219 11.36 23.97 -3.48
C VAL B 219 10.48 25.16 -3.14
N THR B 220 9.47 25.38 -3.96
CA THR B 220 8.51 26.46 -3.74
C THR B 220 7.19 25.83 -3.33
N HIS B 221 6.76 26.14 -2.11
CA HIS B 221 5.55 25.58 -1.55
C HIS B 221 4.58 26.74 -1.34
N GLU B 222 3.67 26.93 -2.29
CA GLU B 222 2.78 28.09 -2.34
C GLU B 222 3.59 29.38 -2.29
N GLY B 223 3.61 30.04 -1.14
CA GLY B 223 4.39 31.26 -1.01
C GLY B 223 5.88 31.02 -0.85
N SER B 224 6.27 30.41 0.27
CA SER B 224 7.67 30.36 0.66
C SER B 224 8.46 29.35 -0.17
N THR B 225 9.66 29.76 -0.58
CA THR B 225 10.58 28.91 -1.33
C THR B 225 11.74 28.50 -0.42
N VAL B 226 12.11 27.22 -0.47
CA VAL B 226 13.20 26.68 0.34
C VAL B 226 14.31 26.23 -0.59
N GLU B 227 15.52 26.75 -0.39
CA GLU B 227 16.66 26.40 -1.24
C GLU B 227 17.82 25.91 -0.38
N LYS B 228 18.26 24.67 -0.63
CA LYS B 228 19.49 24.11 -0.09
C LYS B 228 20.55 24.03 -1.20
N THR B 229 21.82 23.94 -0.79
CA THR B 229 22.94 23.93 -1.74
C THR B 229 23.94 22.83 -1.37
N VAL B 230 24.77 22.47 -2.35
CA VAL B 230 25.85 21.50 -2.15
C VAL B 230 27.00 21.88 -3.07
N ALA B 231 28.22 21.52 -2.67
CA ALA B 231 29.39 21.84 -3.47
C ALA B 231 30.29 20.62 -3.68
N PRO B 232 30.84 20.46 -4.90
CA PRO B 232 31.97 19.54 -5.15
C PRO B 232 33.08 19.64 -4.11
N ASP C 1 -18.64 -24.25 20.13
CA ASP C 1 -18.44 -25.61 19.70
C ASP C 1 -18.70 -25.88 18.19
N ILE C 2 -18.94 -24.84 17.38
CA ILE C 2 -19.02 -25.04 15.93
C ILE C 2 -18.03 -24.15 15.22
N VAL C 3 -17.47 -24.66 14.12
CA VAL C 3 -16.48 -23.96 13.31
C VAL C 3 -17.02 -23.84 11.90
N PRO C 4 -17.07 -22.65 11.32
CA PRO C 4 -17.59 -22.51 9.96
C PRO C 4 -16.72 -23.22 8.95
N LEU C 5 -17.36 -24.01 8.07
CA LEU C 5 -16.70 -24.63 6.93
C LEU C 5 -16.83 -23.81 5.65
N GLU C 6 -17.65 -22.77 5.67
CA GLU C 6 -17.86 -21.89 4.53
C GLU C 6 -18.33 -20.58 5.11
N GLU C 7 -18.34 -19.55 4.26
CA GLU C 7 -18.71 -18.22 4.73
C GLU C 7 -20.08 -18.23 5.40
N GLU C 8 -20.22 -17.47 6.49
CA GLU C 8 -21.52 -17.34 7.14
C GLU C 8 -22.40 -16.38 6.35
N ARG C 9 -23.71 -16.63 6.40
CA ARG C 9 -24.67 -15.90 5.57
C ARG C 9 -25.67 -15.13 6.43
N LYS C 10 -26.00 -13.92 6.02
CA LYS C 10 -27.06 -13.17 6.72
C LYS C 10 -28.42 -13.84 6.49
N GLY C 11 -29.17 -14.03 7.58
CA GLY C 11 -30.52 -14.58 7.46
C GLY C 11 -30.58 -15.84 6.61
N ASN C 12 -29.69 -16.79 6.88
CA ASN C 12 -29.60 -18.01 6.11
C ASN C 12 -28.59 -18.96 6.77
N SER C 13 -28.79 -20.26 6.56
CA SER C 13 -27.97 -21.31 7.17
C SER C 13 -26.69 -21.54 6.36
N SER C 14 -25.63 -21.99 7.05
CA SER C 14 -24.35 -22.32 6.41
C SER C 14 -23.74 -23.55 7.09
N LYS C 15 -22.68 -24.09 6.51
CA LYS C 15 -22.15 -25.37 7.01
C LYS C 15 -21.06 -25.17 8.06
N TYR C 16 -21.12 -25.99 9.11
CA TYR C 16 -20.22 -25.91 10.26
C TYR C 16 -19.73 -27.31 10.61
N ARG C 17 -18.52 -27.39 11.14
CA ARG C 17 -18.04 -28.59 11.82
C ARG C 17 -18.36 -28.45 13.31
N LEU C 18 -18.79 -29.53 13.94
CA LEU C 18 -19.16 -29.50 15.35
C LEU C 18 -17.95 -29.97 16.17
N ILE C 19 -17.35 -29.04 16.90
CA ILE C 19 -16.34 -29.28 17.97
C ILE C 19 -15.05 -28.54 17.66
N GLU D 7 -14.02 -20.34 16.24
CA GLU D 7 -14.93 -21.08 17.14
C GLU D 7 -16.05 -20.25 17.82
N GLU D 8 -17.27 -20.52 17.38
CA GLU D 8 -18.45 -19.97 18.00
C GLU D 8 -19.25 -21.08 18.66
N ARG D 9 -20.26 -20.68 19.37
CA ARG D 9 -21.01 -21.61 20.21
C ARG D 9 -22.50 -21.45 19.91
N LYS D 10 -23.23 -22.55 19.93
CA LYS D 10 -24.64 -22.49 19.50
C LYS D 10 -25.57 -21.98 20.60
N SER D 14 -25.49 -18.30 13.75
CA SER D 14 -26.86 -17.82 13.57
C SER D 14 -27.78 -18.92 13.02
N LYS D 15 -27.40 -19.52 11.89
CA LYS D 15 -28.18 -20.58 11.28
C LYS D 15 -27.23 -21.65 10.75
N TYR D 16 -27.42 -22.88 11.24
CA TYR D 16 -26.39 -23.90 11.19
C TYR D 16 -26.93 -25.23 10.69
N ARG D 17 -26.42 -25.69 9.55
CA ARG D 17 -26.33 -27.10 9.24
C ARG D 17 -24.90 -27.58 9.54
N LEU D 18 -24.75 -28.89 9.74
CA LEU D 18 -23.45 -29.41 10.16
C LEU D 18 -23.11 -30.71 9.44
N ILE D 19 -21.86 -30.82 8.98
CA ILE D 19 -21.41 -32.01 8.27
C ILE D 19 -20.53 -32.90 9.15
NA NA E . -0.24 -6.42 -21.91
NA NA F . -7.08 2.74 11.76
NA NA G . -6.01 12.14 14.59
NA NA H . -26.33 4.28 -7.60
NA NA I . -24.02 -21.20 2.20
NA NA J . -24.59 -18.53 10.74
#